data_3P5F
#
_entry.id   3P5F
#
_cell.length_a   79.78
_cell.length_b   79.78
_cell.length_c   90.47
_cell.angle_alpha   90.00
_cell.angle_beta   90.00
_cell.angle_gamma   90.00
#
_symmetry.space_group_name_H-M   'P 42'
#
loop_
_entity.id
_entity.type
_entity.pdbx_description
1 polymer 'C-type lectin domain family 4 member K'
2 branched alpha-D-mannopyranose-(1-2)-alpha-D-mannopyranose
3 non-polymer alpha-D-mannopyranose
4 non-polymer 'CALCIUM ION'
5 water water
#
_entity_poly.entity_id   1
_entity_poly.type   'polypeptide(L)'
_entity_poly.pdbx_seq_one_letter_code
;QVVSQGWKYFKGNFYYFSLIPKTWYSAEQFCVSRNSHLTSVTSESEQEFLYKTAGGLIYWIGLTKAGMEGDWSWVDDTPF
NKVQSARFWIPGEPNNAGNNEHCGNIKAPSLQAWNDAPCDKTFLFICKRPYVPSEP
;
_entity_poly.pdbx_strand_id   A,B,C,D
#
# COMPACT_ATOMS: atom_id res chain seq x y z
N GLY A 6 27.00 2.56 -9.75
CA GLY A 6 27.41 1.35 -9.08
C GLY A 6 26.33 0.28 -9.05
N TRP A 7 25.17 0.57 -9.66
CA TRP A 7 24.08 -0.39 -9.70
C TRP A 7 24.36 -1.53 -10.67
N LYS A 8 24.00 -2.74 -10.24
CA LYS A 8 24.21 -3.95 -11.02
C LYS A 8 22.90 -4.41 -11.64
N TYR A 9 22.94 -4.80 -12.91
CA TYR A 9 21.73 -5.17 -13.64
C TYR A 9 21.49 -6.68 -13.70
N PHE A 10 20.28 -7.09 -13.35
CA PHE A 10 19.87 -8.49 -13.43
C PHE A 10 18.38 -8.61 -13.70
N LYS A 11 18.04 -9.20 -14.84
CA LYS A 11 16.65 -9.52 -15.20
C LYS A 11 15.65 -8.41 -14.91
N GLY A 12 15.84 -7.26 -15.55
CA GLY A 12 14.86 -6.20 -15.47
C GLY A 12 14.94 -5.32 -14.23
N ASN A 13 15.88 -5.60 -13.35
CA ASN A 13 16.08 -4.78 -12.15
C ASN A 13 17.55 -4.35 -11.96
N PHE A 14 17.73 -3.17 -11.37
CA PHE A 14 19.04 -2.73 -10.93
C PHE A 14 19.17 -2.97 -9.42
N TYR A 15 20.37 -3.32 -8.99
CA TYR A 15 20.65 -3.65 -7.60
C TYR A 15 21.84 -2.82 -7.10
N TYR A 16 21.70 -2.29 -5.89
CA TYR A 16 22.74 -1.53 -5.24
C TYR A 16 23.22 -2.28 -4.00
N PHE A 17 24.48 -2.69 -4.01
CA PHE A 17 25.07 -3.32 -2.83
C PHE A 17 25.83 -2.26 -2.06
N SER A 18 25.33 -1.91 -0.89
CA SER A 18 25.85 -0.74 -0.19
C SER A 18 27.28 -0.94 0.30
N LEU A 19 27.98 0.17 0.49
CA LEU A 19 29.34 0.14 0.99
C LEU A 19 29.38 0.52 2.47
N ILE A 20 28.30 1.11 2.95
CA ILE A 20 28.18 1.53 4.34
C ILE A 20 27.02 0.80 5.01
N PRO A 21 27.20 0.39 6.27
CA PRO A 21 26.14 -0.37 6.94
C PRO A 21 25.11 0.54 7.60
N LYS A 22 23.87 0.07 7.68
CA LYS A 22 22.81 0.82 8.32
C LYS A 22 21.84 -0.16 9.00
N THR A 23 21.02 0.35 9.93
CA THR A 23 19.94 -0.45 10.46
C THR A 23 18.99 -0.76 9.31
N TRP A 24 18.12 -1.74 9.52
CA TRP A 24 17.22 -2.16 8.46
C TRP A 24 16.40 -0.98 7.95
N TYR A 25 15.80 -0.22 8.86
CA TYR A 25 14.94 0.90 8.42
C TYR A 25 15.73 2.07 7.79
N SER A 26 16.90 2.39 8.32
CA SER A 26 17.68 3.47 7.74
C SER A 26 18.13 3.07 6.35
N ALA A 27 18.38 1.78 6.19
CA ALA A 27 18.73 1.24 4.87
C ALA A 27 17.54 1.39 3.91
N GLU A 28 16.36 0.95 4.34
CA GLU A 28 15.17 1.06 3.50
C GLU A 28 14.94 2.52 3.11
N GLN A 29 15.11 3.42 4.07
CA GLN A 29 14.97 4.84 3.76
C GLN A 29 15.96 5.33 2.72
N PHE A 30 17.20 4.86 2.83
CA PHE A 30 18.18 5.17 1.82
C PHE A 30 17.74 4.64 0.47
N CYS A 31 17.22 3.41 0.42
CA CYS A 31 16.75 2.87 -0.86
C CYS A 31 15.63 3.72 -1.41
N VAL A 32 14.68 4.06 -0.56
CA VAL A 32 13.53 4.85 -1.00
C VAL A 32 13.96 6.20 -1.56
N SER A 33 15.01 6.76 -0.97
CA SER A 33 15.57 8.04 -1.43
C SER A 33 16.21 7.92 -2.80
N ARG A 34 16.59 6.70 -3.19
CA ARG A 34 17.09 6.46 -4.53
C ARG A 34 16.05 5.73 -5.38
N ASN A 35 14.77 5.97 -5.09
CA ASN A 35 13.68 5.44 -5.89
C ASN A 35 13.70 3.91 -5.98
N SER A 36 14.03 3.27 -4.86
CA SER A 36 14.10 1.82 -4.80
C SER A 36 13.59 1.31 -3.45
N HIS A 37 13.78 0.01 -3.21
CA HIS A 37 13.42 -0.62 -1.95
C HIS A 37 14.46 -1.67 -1.62
N LEU A 38 14.59 -2.02 -0.34
CA LEU A 38 15.37 -3.19 -0.02
C LEU A 38 14.82 -4.38 -0.84
N THR A 39 15.74 -5.20 -1.36
CA THR A 39 15.37 -6.18 -2.36
C THR A 39 14.42 -7.28 -1.89
N SER A 40 13.46 -7.60 -2.74
CA SER A 40 12.72 -8.84 -2.60
C SER A 40 13.47 -9.96 -3.33
N VAL A 41 13.09 -11.21 -3.08
CA VAL A 41 13.72 -12.34 -3.75
C VAL A 41 12.62 -13.31 -4.14
N THR A 42 12.43 -13.54 -5.44
CA THR A 42 11.27 -14.32 -5.87
C THR A 42 11.60 -15.47 -6.81
N SER A 43 12.88 -15.79 -6.92
CA SER A 43 13.30 -16.93 -7.73
C SER A 43 14.63 -17.47 -7.29
N GLU A 44 14.88 -18.72 -7.64
CA GLU A 44 16.17 -19.34 -7.36
C GLU A 44 17.28 -18.54 -8.04
N SER A 45 17.04 -18.06 -9.25
CA SER A 45 18.10 -17.34 -9.96
C SER A 45 18.41 -15.99 -9.33
N GLU A 46 17.41 -15.35 -8.74
CA GLU A 46 17.62 -14.08 -8.04
C GLU A 46 18.36 -14.31 -6.73
N GLN A 47 17.94 -15.33 -5.98
CA GLN A 47 18.66 -15.69 -4.76
C GLN A 47 20.13 -15.95 -5.07
N GLU A 48 20.36 -16.70 -6.13
CA GLU A 48 21.71 -17.06 -6.55
C GLU A 48 22.51 -15.81 -6.93
N PHE A 49 21.89 -14.91 -7.71
CA PHE A 49 22.55 -13.67 -8.10
C PHE A 49 22.96 -12.86 -6.88
N LEU A 50 22.04 -12.76 -5.92
CA LEU A 50 22.28 -11.99 -4.71
C LEU A 50 23.38 -12.58 -3.83
N TYR A 51 23.30 -13.86 -3.51
CA TYR A 51 24.30 -14.40 -2.58
C TYR A 51 25.69 -14.48 -3.21
N LYS A 52 25.77 -14.74 -4.50
CA LYS A 52 27.08 -14.74 -5.16
C LYS A 52 27.68 -13.35 -5.16
N THR A 53 26.86 -12.36 -5.46
CA THR A 53 27.35 -10.99 -5.46
C THR A 53 27.76 -10.53 -4.07
N ALA A 54 27.02 -10.98 -3.05
CA ALA A 54 27.31 -10.62 -1.67
C ALA A 54 28.69 -11.10 -1.21
N GLY A 55 29.20 -12.14 -1.85
CA GLY A 55 30.55 -12.60 -1.59
C GLY A 55 30.85 -12.98 -0.15
N GLY A 56 29.88 -13.60 0.52
CA GLY A 56 30.07 -14.06 1.89
C GLY A 56 29.83 -13.05 3.00
N LEU A 57 29.49 -11.81 2.63
CA LEU A 57 29.17 -10.77 3.61
C LEU A 57 27.67 -10.69 3.81
N ILE A 58 27.28 -10.18 4.97
CA ILE A 58 25.85 -10.10 5.33
C ILE A 58 25.23 -8.79 4.87
N TYR A 59 24.08 -8.89 4.20
CA TYR A 59 23.36 -7.73 3.67
C TYR A 59 21.88 -7.80 4.04
N TRP A 60 21.37 -6.70 4.58
CA TRP A 60 19.92 -6.56 4.74
C TRP A 60 19.21 -6.74 3.40
N ILE A 61 18.11 -7.49 3.41
CA ILE A 61 17.20 -7.50 2.27
C ILE A 61 15.81 -7.06 2.75
N GLY A 62 14.83 -7.05 1.87
CA GLY A 62 13.53 -6.47 2.20
C GLY A 62 12.60 -7.30 3.07
N LEU A 63 13.15 -8.32 3.72
CA LEU A 63 12.36 -9.18 4.59
C LEU A 63 12.00 -8.48 5.89
N THR A 64 10.72 -8.42 6.22
CA THR A 64 10.29 -7.86 7.51
C THR A 64 8.94 -8.42 7.93
N LYS A 65 8.65 -8.42 9.23
CA LYS A 65 7.35 -8.95 9.69
C LYS A 65 6.17 -8.00 9.46
N ALA A 66 4.98 -8.58 9.27
CA ALA A 66 3.75 -7.82 9.03
C ALA A 66 2.53 -8.57 9.56
N GLY A 67 1.52 -7.82 10.01
CA GLY A 67 0.32 -8.42 10.59
C GLY A 67 0.52 -8.87 12.03
N MET A 68 -0.58 -9.15 12.72
CA MET A 68 -0.54 -9.59 14.11
C MET A 68 0.16 -10.93 14.26
N GLU A 69 0.09 -11.74 13.21
CA GLU A 69 0.65 -13.09 13.25
C GLU A 69 2.17 -13.06 13.09
N GLY A 70 2.70 -11.91 12.72
CA GLY A 70 4.13 -11.78 12.50
C GLY A 70 4.60 -12.54 11.27
N ASP A 71 3.74 -12.64 10.27
CA ASP A 71 4.13 -13.29 9.02
C ASP A 71 5.21 -12.46 8.35
N TRP A 72 6.09 -13.14 7.65
CA TRP A 72 7.12 -12.44 6.87
C TRP A 72 6.50 -11.77 5.64
N SER A 73 7.12 -10.68 5.22
CA SER A 73 6.61 -9.88 4.11
C SER A 73 7.78 -9.23 3.40
N TRP A 74 7.51 -8.68 2.22
CA TRP A 74 8.51 -7.91 1.50
C TRP A 74 8.17 -6.43 1.57
N VAL A 75 9.16 -5.59 1.87
CA VAL A 75 8.90 -4.17 2.02
C VAL A 75 8.48 -3.55 0.69
N ASP A 76 8.88 -4.17 -0.42
CA ASP A 76 8.48 -3.62 -1.74
C ASP A 76 7.08 -4.07 -2.17
N ASP A 77 6.39 -4.74 -1.26
CA ASP A 77 5.00 -5.19 -1.42
C ASP A 77 4.78 -6.39 -2.34
N THR A 78 5.85 -6.99 -2.84
CA THR A 78 5.76 -8.33 -3.42
C THR A 78 5.07 -9.25 -2.40
N PRO A 79 4.00 -9.94 -2.80
CA PRO A 79 3.38 -10.87 -1.85
C PRO A 79 4.40 -11.93 -1.42
N PHE A 80 4.45 -12.24 -0.14
CA PHE A 80 5.40 -13.23 0.36
C PHE A 80 4.81 -14.63 0.21
N ASN A 81 5.56 -15.52 -0.45
CA ASN A 81 5.10 -16.87 -0.73
C ASN A 81 5.81 -17.84 0.22
N LYS A 82 5.10 -18.30 1.24
CA LYS A 82 5.72 -19.10 2.29
C LYS A 82 6.23 -20.44 1.77
N VAL A 83 5.48 -21.02 0.85
CA VAL A 83 5.82 -22.31 0.28
C VAL A 83 7.05 -22.22 -0.63
N GLN A 84 7.06 -21.23 -1.51
CA GLN A 84 8.13 -21.08 -2.47
C GLN A 84 9.42 -20.52 -1.84
N SER A 85 9.30 -19.93 -0.66
CA SER A 85 10.43 -19.30 0.03
CA SER A 85 10.47 -19.34 -0.03
C SER A 85 11.08 -20.23 1.04
N ALA A 86 10.43 -21.36 1.31
CA ALA A 86 10.92 -22.26 2.36
C ALA A 86 12.38 -22.67 2.10
N ARG A 87 12.77 -22.78 0.83
CA ARG A 87 14.07 -23.31 0.49
C ARG A 87 15.18 -22.27 0.66
N PHE A 88 14.80 -21.02 0.97
CA PHE A 88 15.75 -19.91 0.95
C PHE A 88 16.30 -19.54 2.33
N TRP A 89 15.73 -20.11 3.39
CA TRP A 89 16.23 -19.85 4.74
C TRP A 89 17.40 -20.77 5.10
N ILE A 90 18.31 -20.26 5.93
CA ILE A 90 19.34 -21.08 6.55
C ILE A 90 18.63 -22.08 7.46
N PRO A 91 19.03 -23.36 7.42
CA PRO A 91 18.41 -24.33 8.32
C PRO A 91 18.35 -23.80 9.75
N GLY A 92 17.17 -23.85 10.36
CA GLY A 92 16.98 -23.34 11.71
C GLY A 92 16.37 -21.96 11.78
N GLU A 93 16.38 -21.26 10.66
CA GLU A 93 15.79 -19.92 10.59
C GLU A 93 14.47 -19.96 9.82
N PRO A 94 13.58 -18.99 10.09
CA PRO A 94 13.75 -17.95 11.10
C PRO A 94 13.54 -18.52 12.50
N ASN A 95 14.48 -18.25 13.39
CA ASN A 95 14.43 -18.84 14.72
C ASN A 95 13.96 -17.83 15.74
N ASN A 96 13.87 -16.58 15.31
CA ASN A 96 13.47 -15.49 16.17
C ASN A 96 14.28 -15.44 17.46
N ALA A 97 15.60 -15.39 17.33
CA ALA A 97 16.50 -15.34 18.47
C ALA A 97 16.21 -14.17 19.41
N GLY A 98 16.15 -14.47 20.70
CA GLY A 98 15.88 -13.46 21.70
C GLY A 98 14.55 -12.77 21.53
N ASN A 99 13.66 -13.40 20.76
CA ASN A 99 12.33 -12.83 20.49
C ASN A 99 12.38 -11.40 19.95
N ASN A 100 13.40 -11.08 19.16
CA ASN A 100 13.53 -9.71 18.67
C ASN A 100 14.15 -9.64 17.28
N GLU A 101 13.80 -10.61 16.44
CA GLU A 101 14.35 -10.65 15.10
C GLU A 101 13.24 -10.53 14.07
N HIS A 102 12.93 -9.29 13.72
CA HIS A 102 11.76 -8.98 12.92
C HIS A 102 12.10 -8.49 11.53
N CYS A 103 13.39 -8.56 11.17
CA CYS A 103 13.89 -8.24 9.82
C CYS A 103 14.80 -9.37 9.33
N GLY A 104 15.04 -9.41 8.02
CA GLY A 104 15.79 -10.52 7.44
C GLY A 104 16.94 -10.06 6.57
N ASN A 105 18.02 -10.84 6.59
CA ASN A 105 19.19 -10.58 5.75
C ASN A 105 19.63 -11.79 4.95
N ILE A 106 20.48 -11.56 3.94
CA ILE A 106 21.22 -12.63 3.28
C ILE A 106 22.51 -12.82 4.05
N LYS A 107 22.77 -14.05 4.49
CA LYS A 107 23.89 -14.33 5.39
C LYS A 107 24.83 -15.39 4.81
N ALA A 108 24.29 -16.57 4.50
CA ALA A 108 25.12 -17.67 4.01
C ALA A 108 25.21 -17.66 2.50
N PRO A 109 26.40 -17.95 1.97
CA PRO A 109 26.57 -18.04 0.51
C PRO A 109 26.07 -19.39 0.02
N SER A 110 24.75 -19.53 0.03
CA SER A 110 24.08 -20.75 -0.37
C SER A 110 22.66 -20.37 -0.77
N LEU A 111 21.97 -21.23 -1.50
CA LEU A 111 20.55 -20.98 -1.74
C LEU A 111 19.83 -20.88 -0.40
N GLN A 112 20.28 -21.65 0.57
CA GLN A 112 19.78 -21.55 1.93
C GLN A 112 20.53 -20.42 2.64
N ALA A 113 20.08 -19.18 2.43
CA ALA A 113 20.89 -18.00 2.76
C ALA A 113 20.34 -17.10 3.86
N TRP A 114 19.03 -17.06 4.03
CA TRP A 114 18.42 -16.04 4.88
C TRP A 114 18.49 -16.29 6.37
N ASN A 115 18.65 -15.21 7.12
CA ASN A 115 18.55 -15.22 8.57
C ASN A 115 17.68 -14.07 9.05
N ASP A 116 16.88 -14.30 10.08
CA ASP A 116 16.23 -13.21 10.77
C ASP A 116 17.14 -12.66 11.88
N ALA A 117 17.23 -11.34 11.93
CA ALA A 117 18.12 -10.66 12.87
C ALA A 117 17.44 -9.40 13.36
N PRO A 118 17.94 -8.83 14.45
CA PRO A 118 17.25 -7.66 15.01
C PRO A 118 17.32 -6.48 14.05
N CYS A 119 16.19 -5.82 13.83
CA CYS A 119 16.10 -4.71 12.90
C CYS A 119 17.07 -3.56 13.20
N ASP A 120 17.47 -3.44 14.46
CA ASP A 120 18.32 -2.32 14.85
C ASP A 120 19.82 -2.59 14.71
N LYS A 121 20.18 -3.79 14.27
CA LYS A 121 21.58 -4.11 13.99
C LYS A 121 21.98 -3.45 12.68
N THR A 122 23.25 -3.10 12.52
CA THR A 122 23.69 -2.46 11.29
C THR A 122 24.41 -3.46 10.41
N PHE A 123 24.01 -3.50 9.13
CA PHE A 123 24.64 -4.34 8.12
C PHE A 123 24.66 -3.55 6.82
N LEU A 124 25.53 -3.96 5.91
CA LEU A 124 25.41 -3.53 4.52
C LEU A 124 24.02 -3.94 4.05
N PHE A 125 23.56 -3.39 2.93
CA PHE A 125 22.19 -3.63 2.51
C PHE A 125 22.10 -3.63 0.98
N ILE A 126 21.03 -4.22 0.45
CA ILE A 126 20.85 -4.28 -0.99
C ILE A 126 19.55 -3.64 -1.44
N CYS A 127 19.65 -2.63 -2.31
CA CYS A 127 18.48 -1.98 -2.90
C CYS A 127 18.14 -2.60 -4.25
N LYS A 128 16.87 -2.61 -4.58
CA LYS A 128 16.41 -3.08 -5.89
C LYS A 128 15.52 -2.04 -6.53
N ARG A 129 15.82 -1.72 -7.78
CA ARG A 129 15.14 -0.65 -8.52
C ARG A 129 14.73 -1.20 -9.89
N PRO A 130 13.43 -1.11 -10.21
CA PRO A 130 12.98 -1.63 -11.52
C PRO A 130 13.59 -0.82 -12.65
N TYR A 131 13.91 -1.48 -13.76
CA TYR A 131 14.26 -0.75 -14.98
C TYR A 131 12.98 -0.60 -15.79
N VAL A 132 12.65 0.63 -16.15
CA VAL A 132 11.45 0.87 -16.94
C VAL A 132 11.79 1.53 -18.28
N PRO A 133 11.85 0.72 -19.34
CA PRO A 133 12.17 1.24 -20.68
C PRO A 133 11.18 2.30 -21.14
N GLY B 6 -8.95 23.38 -13.66
CA GLY B 6 -10.01 23.88 -12.80
C GLY B 6 -10.04 23.21 -11.44
N TRP B 7 -8.88 22.92 -10.88
CA TRP B 7 -8.82 22.35 -9.55
C TRP B 7 -9.21 23.36 -8.48
N LYS B 8 -10.02 22.94 -7.52
CA LYS B 8 -10.47 23.84 -6.44
C LYS B 8 -9.74 23.55 -5.14
N TYR B 9 -9.28 24.60 -4.47
CA TYR B 9 -8.51 24.45 -3.25
C TYR B 9 -9.35 24.44 -1.99
N PHE B 10 -9.00 23.56 -1.05
CA PHE B 10 -9.63 23.55 0.27
C PHE B 10 -8.75 22.82 1.27
N LYS B 11 -8.40 23.53 2.34
CA LYS B 11 -7.62 23.01 3.45
C LYS B 11 -6.46 22.10 3.06
N GLY B 12 -5.55 22.64 2.26
CA GLY B 12 -4.32 21.93 1.92
C GLY B 12 -4.44 20.87 0.83
N ASN B 13 -5.62 20.76 0.23
CA ASN B 13 -5.85 19.84 -0.89
C ASN B 13 -6.48 20.54 -2.10
N PHE B 14 -6.24 20.00 -3.30
CA PHE B 14 -6.92 20.45 -4.50
C PHE B 14 -7.91 19.40 -4.97
N TYR B 15 -9.05 19.84 -5.50
CA TYR B 15 -10.12 18.92 -5.89
C TYR B 15 -10.55 19.16 -7.33
N TYR B 16 -10.77 18.06 -8.04
CA TYR B 16 -11.25 18.12 -9.40
C TYR B 16 -12.66 17.54 -9.50
N PHE B 17 -13.64 18.38 -9.81
CA PHE B 17 -15.00 17.88 -10.04
C PHE B 17 -15.17 17.63 -11.54
N SER B 18 -15.35 16.36 -11.91
CA SER B 18 -15.33 16.03 -13.33
C SER B 18 -16.53 16.57 -14.10
N LEU B 19 -16.33 16.69 -15.42
CA LEU B 19 -17.40 17.13 -16.31
C LEU B 19 -17.95 15.96 -17.13
N ILE B 20 -17.22 14.85 -17.12
CA ILE B 20 -17.61 13.64 -17.85
C ILE B 20 -17.83 12.53 -16.83
N PRO B 21 -18.88 11.70 -17.01
CA PRO B 21 -19.09 10.60 -16.07
C PRO B 21 -18.29 9.36 -16.45
N LYS B 22 -17.97 8.55 -15.45
CA LYS B 22 -17.23 7.32 -15.64
C LYS B 22 -17.65 6.32 -14.57
N THR B 23 -17.32 5.06 -14.78
CA THR B 23 -17.46 4.05 -13.73
C THR B 23 -16.50 4.42 -12.61
N TRP B 24 -16.68 3.81 -11.45
CA TRP B 24 -15.86 4.14 -10.30
C TRP B 24 -14.38 3.92 -10.60
N TYR B 25 -14.06 2.77 -11.16
CA TYR B 25 -12.64 2.46 -11.43
C TYR B 25 -12.03 3.28 -12.55
N SER B 26 -12.78 3.49 -13.63
CA SER B 26 -12.27 4.33 -14.70
C SER B 26 -12.10 5.76 -14.19
N ALA B 27 -12.92 6.15 -13.22
CA ALA B 27 -12.76 7.47 -12.58
C ALA B 27 -11.47 7.52 -11.76
N GLU B 28 -11.29 6.53 -10.90
CA GLU B 28 -10.05 6.40 -10.12
C GLU B 28 -8.82 6.41 -11.03
N GLN B 29 -8.89 5.68 -12.14
CA GLN B 29 -7.77 5.69 -13.09
C GLN B 29 -7.46 7.07 -13.67
N PHE B 30 -8.51 7.81 -13.98
CA PHE B 30 -8.35 9.17 -14.46
C PHE B 30 -7.68 10.01 -13.38
N CYS B 31 -8.14 9.86 -12.14
CA CYS B 31 -7.55 10.58 -11.03
C CYS B 31 -6.07 10.24 -10.91
N VAL B 32 -5.74 8.96 -10.96
CA VAL B 32 -4.35 8.56 -10.80
C VAL B 32 -3.48 9.15 -11.93
N SER B 33 -4.03 9.22 -13.13
CA SER B 33 -3.30 9.80 -14.26
C SER B 33 -3.00 11.27 -14.03
N ARG B 34 -3.71 11.90 -13.09
CA ARG B 34 -3.50 13.31 -12.75
C ARG B 34 -2.89 13.45 -11.36
N ASN B 35 -2.15 12.43 -10.95
CA ASN B 35 -1.48 12.44 -9.65
CA ASN B 35 -1.48 12.42 -9.66
C ASN B 35 -2.44 12.69 -8.51
N SER B 36 -3.57 12.01 -8.54
CA SER B 36 -4.59 12.19 -7.50
C SER B 36 -5.31 10.87 -7.27
N HIS B 37 -6.34 10.91 -6.44
CA HIS B 37 -7.20 9.75 -6.17
C HIS B 37 -8.62 10.24 -6.02
N LEU B 38 -9.60 9.37 -6.22
CA LEU B 38 -10.96 9.75 -5.84
C LEU B 38 -10.94 10.19 -4.38
N THR B 39 -11.69 11.24 -4.06
CA THR B 39 -11.53 11.89 -2.77
C THR B 39 -11.96 11.07 -1.55
N SER B 40 -11.14 11.16 -0.50
CA SER B 40 -11.54 10.76 0.84
C SER B 40 -12.28 11.91 1.51
N VAL B 41 -12.99 11.62 2.60
CA VAL B 41 -13.65 12.66 3.37
C VAL B 41 -13.38 12.43 4.85
N THR B 42 -12.70 13.38 5.49
CA THR B 42 -12.21 13.14 6.85
C THR B 42 -12.66 14.16 7.90
N SER B 43 -13.59 15.03 7.53
CA SER B 43 -14.13 15.99 8.48
C SER B 43 -15.47 16.53 7.97
N GLU B 44 -16.24 17.10 8.89
CA GLU B 44 -17.48 17.75 8.53
C GLU B 44 -17.24 18.91 7.56
N SER B 45 -16.18 19.68 7.80
CA SER B 45 -15.89 20.80 6.90
C SER B 45 -15.61 20.32 5.47
N GLU B 46 -14.94 19.19 5.32
CA GLU B 46 -14.66 18.65 4.00
C GLU B 46 -15.93 18.13 3.34
N GLN B 47 -16.73 17.42 4.12
CA GLN B 47 -18.01 16.92 3.64
C GLN B 47 -18.88 18.06 3.12
N GLU B 48 -18.96 19.13 3.90
CA GLU B 48 -19.74 20.32 3.51
C GLU B 48 -19.19 20.96 2.23
N PHE B 49 -17.88 21.18 2.19
CA PHE B 49 -17.26 21.70 0.98
C PHE B 49 -17.63 20.88 -0.26
N LEU B 50 -17.58 19.55 -0.11
CA LEU B 50 -17.85 18.68 -1.24
C LEU B 50 -19.31 18.67 -1.69
N TYR B 51 -20.25 18.50 -0.75
CA TYR B 51 -21.65 18.44 -1.15
C TYR B 51 -22.15 19.79 -1.68
N LYS B 52 -21.67 20.88 -1.09
CA LYS B 52 -22.05 22.20 -1.58
C LYS B 52 -21.53 22.43 -2.99
N THR B 53 -20.28 22.07 -3.22
CA THR B 53 -19.68 22.24 -4.54
C THR B 53 -20.36 21.31 -5.56
N ALA B 54 -20.79 20.13 -5.11
CA ALA B 54 -21.47 19.18 -6.00
C ALA B 54 -22.79 19.71 -6.56
N GLY B 55 -23.43 20.62 -5.82
CA GLY B 55 -24.61 21.33 -6.30
C GLY B 55 -25.77 20.44 -6.73
N GLY B 56 -25.97 19.34 -6.00
CA GLY B 56 -27.12 18.49 -6.24
C GLY B 56 -26.91 17.37 -7.24
N LEU B 57 -25.73 17.30 -7.83
CA LEU B 57 -25.40 16.21 -8.72
C LEU B 57 -24.62 15.13 -7.97
N ILE B 58 -24.70 13.91 -8.47
CA ILE B 58 -24.08 12.75 -7.82
C ILE B 58 -22.64 12.56 -8.32
N TYR B 59 -21.69 12.49 -7.39
CA TYR B 59 -20.29 12.25 -7.75
C TYR B 59 -19.73 11.03 -7.03
N TRP B 60 -19.04 10.18 -7.79
CA TRP B 60 -18.21 9.14 -7.19
C TRP B 60 -17.19 9.78 -6.27
N ILE B 61 -17.02 9.20 -5.08
CA ILE B 61 -15.88 9.53 -4.23
C ILE B 61 -15.08 8.25 -3.97
N GLY B 62 -14.03 8.34 -3.17
CA GLY B 62 -13.09 7.23 -3.05
C GLY B 62 -13.52 6.12 -2.10
N LEU B 63 -14.82 6.02 -1.82
CA LEU B 63 -15.38 4.95 -1.00
C LEU B 63 -15.46 3.63 -1.75
N THR B 64 -14.87 2.57 -1.19
CA THR B 64 -14.99 1.27 -1.82
C THR B 64 -14.72 0.19 -0.78
N LYS B 65 -15.25 -1.01 -1.00
CA LYS B 65 -15.02 -2.11 -0.07
C LYS B 65 -13.63 -2.72 -0.21
N ALA B 66 -13.06 -3.15 0.92
CA ALA B 66 -11.77 -3.83 0.92
C ALA B 66 -11.77 -4.88 2.00
N GLY B 67 -10.91 -5.90 1.85
CA GLY B 67 -10.82 -6.97 2.84
C GLY B 67 -11.93 -8.00 2.71
N MET B 68 -11.79 -9.12 3.40
CA MET B 68 -12.74 -10.22 3.30
C MET B 68 -14.13 -9.89 3.85
N GLU B 69 -14.18 -9.05 4.89
CA GLU B 69 -15.45 -8.69 5.51
C GLU B 69 -16.18 -7.57 4.77
N GLY B 70 -15.50 -6.95 3.81
CA GLY B 70 -16.11 -5.92 2.99
C GLY B 70 -16.33 -4.62 3.75
N ASP B 71 -15.37 -4.28 4.60
CA ASP B 71 -15.44 -3.02 5.32
C ASP B 71 -15.16 -1.88 4.35
N TRP B 72 -15.79 -0.74 4.58
CA TRP B 72 -15.55 0.39 3.69
C TRP B 72 -14.15 0.93 3.87
N SER B 73 -13.58 1.45 2.81
CA SER B 73 -12.21 1.94 2.84
C SER B 73 -12.06 3.14 1.92
N TRP B 74 -10.94 3.82 2.03
CA TRP B 74 -10.62 4.93 1.12
C TRP B 74 -9.57 4.51 0.09
N VAL B 75 -9.83 4.77 -1.18
CA VAL B 75 -8.86 4.38 -2.20
C VAL B 75 -7.54 5.15 -2.10
N ASP B 76 -7.55 6.34 -1.49
CA ASP B 76 -6.28 7.06 -1.32
C ASP B 76 -5.48 6.56 -0.11
N ASP B 77 -5.95 5.45 0.47
CA ASP B 77 -5.33 4.80 1.63
C ASP B 77 -5.41 5.51 2.98
N THR B 78 -6.13 6.62 3.06
CA THR B 78 -6.49 7.19 4.36
C THR B 78 -7.23 6.09 5.14
N PRO B 79 -6.80 5.82 6.38
CA PRO B 79 -7.52 4.82 7.19
C PRO B 79 -8.99 5.23 7.37
N PHE B 80 -9.91 4.29 7.18
CA PHE B 80 -11.32 4.64 7.24
C PHE B 80 -11.78 4.62 8.70
N ASN B 81 -12.34 5.74 9.15
CA ASN B 81 -12.81 5.86 10.54
C ASN B 81 -14.30 5.60 10.56
N LYS B 82 -14.68 4.37 10.92
CA LYS B 82 -16.09 3.98 10.82
C LYS B 82 -16.95 4.78 11.80
N VAL B 83 -16.42 4.99 12.99
CA VAL B 83 -17.16 5.70 14.01
C VAL B 83 -17.50 7.10 13.56
N GLN B 84 -16.49 7.81 13.06
CA GLN B 84 -16.63 9.21 12.71
C GLN B 84 -17.28 9.41 11.35
N SER B 85 -17.40 8.34 10.57
CA SER B 85 -18.02 8.43 9.24
C SER B 85 -19.49 8.07 9.24
N ALA B 86 -19.98 7.50 10.33
CA ALA B 86 -21.37 7.02 10.36
C ALA B 86 -22.32 8.17 10.02
N ARG B 87 -21.97 9.37 10.47
CA ARG B 87 -22.78 10.57 10.27
C ARG B 87 -22.88 11.01 8.80
N PHE B 88 -22.02 10.47 7.95
CA PHE B 88 -21.93 10.96 6.57
C PHE B 88 -22.77 10.19 5.54
N TRP B 89 -23.32 9.03 5.95
CA TRP B 89 -24.18 8.27 5.05
C TRP B 89 -25.61 8.81 5.09
N ILE B 90 -26.27 8.77 3.93
CA ILE B 90 -27.72 8.93 3.87
C ILE B 90 -28.35 7.86 4.77
N PRO B 91 -29.34 8.26 5.58
CA PRO B 91 -30.03 7.30 6.44
C PRO B 91 -30.47 6.09 5.64
N GLY B 92 -30.16 4.88 6.14
CA GLY B 92 -30.50 3.66 5.43
C GLY B 92 -29.34 3.11 4.61
N GLU B 93 -28.36 3.95 4.34
CA GLU B 93 -27.17 3.53 3.61
C GLU B 93 -26.03 3.28 4.58
N PRO B 94 -25.08 2.41 4.22
CA PRO B 94 -25.02 1.63 2.98
C PRO B 94 -25.98 0.43 3.03
N ASN B 95 -26.76 0.23 1.98
CA ASN B 95 -27.78 -0.81 2.02
C ASN B 95 -27.50 -2.01 1.10
N ASN B 96 -26.39 -1.95 0.35
CA ASN B 96 -25.97 -3.04 -0.53
C ASN B 96 -27.12 -3.59 -1.39
N ALA B 97 -27.87 -2.70 -2.01
CA ALA B 97 -29.01 -3.11 -2.84
C ALA B 97 -28.59 -4.16 -3.87
N GLY B 98 -29.38 -5.22 -3.98
CA GLY B 98 -29.07 -6.28 -4.92
C GLY B 98 -27.76 -7.00 -4.63
N ASN B 99 -27.22 -6.78 -3.44
CA ASN B 99 -25.94 -7.36 -3.06
C ASN B 99 -24.83 -6.96 -4.02
N ASN B 100 -24.98 -5.80 -4.64
CA ASN B 100 -24.02 -5.42 -5.67
C ASN B 100 -23.52 -3.98 -5.58
N GLU B 101 -23.52 -3.40 -4.38
CA GLU B 101 -23.12 -2.01 -4.26
C GLU B 101 -21.84 -1.87 -3.44
N HIS B 102 -20.71 -1.85 -4.14
CA HIS B 102 -19.41 -1.97 -3.47
C HIS B 102 -18.55 -0.71 -3.57
N CYS B 103 -19.14 0.37 -4.07
CA CYS B 103 -18.47 1.66 -4.19
C CYS B 103 -19.42 2.74 -3.68
N GLY B 104 -18.91 3.93 -3.35
CA GLY B 104 -19.76 4.95 -2.80
C GLY B 104 -19.65 6.30 -3.49
N ASN B 105 -20.74 7.06 -3.44
CA ASN B 105 -20.78 8.40 -4.03
C ASN B 105 -21.39 9.43 -3.08
N ILE B 106 -21.17 10.71 -3.41
CA ILE B 106 -21.91 11.79 -2.78
C ILE B 106 -23.18 12.01 -3.59
N LYS B 107 -24.31 11.88 -2.91
CA LYS B 107 -25.62 11.88 -3.54
C LYS B 107 -26.51 13.02 -3.03
N ALA B 108 -26.76 13.04 -1.73
CA ALA B 108 -27.66 14.05 -1.16
C ALA B 108 -26.93 15.30 -0.76
N PRO B 109 -27.47 16.48 -1.11
CA PRO B 109 -26.89 17.75 -0.64
C PRO B 109 -27.16 17.99 0.85
N SER B 110 -26.41 17.26 1.68
CA SER B 110 -26.61 17.25 3.11
C SER B 110 -25.34 16.66 3.74
N LEU B 111 -25.10 16.90 5.02
CA LEU B 111 -23.99 16.23 5.68
C LEU B 111 -24.20 14.71 5.58
N GLN B 112 -25.46 14.29 5.64
CA GLN B 112 -25.80 12.89 5.35
C GLN B 112 -25.97 12.73 3.84
N ALA B 113 -24.87 12.41 3.15
CA ALA B 113 -24.82 12.54 1.69
C ALA B 113 -24.45 11.25 0.92
N TRP B 114 -23.74 10.34 1.58
CA TRP B 114 -23.18 9.19 0.87
C TRP B 114 -24.20 8.11 0.58
N ASN B 115 -24.05 7.49 -0.57
CA ASN B 115 -24.80 6.29 -0.93
C ASN B 115 -23.85 5.25 -1.52
N ASP B 116 -24.09 3.98 -1.20
CA ASP B 116 -23.38 2.92 -1.89
C ASP B 116 -24.14 2.56 -3.17
N ALA B 117 -23.38 2.38 -4.24
CA ALA B 117 -23.93 2.15 -5.55
C ALA B 117 -23.07 1.18 -6.34
N PRO B 118 -23.64 0.57 -7.39
CA PRO B 118 -22.86 -0.43 -8.15
C PRO B 118 -21.64 0.21 -8.81
N CYS B 119 -20.48 -0.41 -8.67
CA CYS B 119 -19.23 0.18 -9.13
C CYS B 119 -19.24 0.46 -10.63
N ASP B 120 -20.06 -0.27 -11.36
CA ASP B 120 -20.08 -0.19 -12.82
C ASP B 120 -21.05 0.88 -13.33
N LYS B 121 -21.71 1.59 -12.42
CA LYS B 121 -22.58 2.69 -12.83
C LYS B 121 -21.71 3.90 -13.15
N THR B 122 -22.15 4.73 -14.10
CA THR B 122 -21.37 5.91 -14.46
C THR B 122 -21.88 7.18 -13.77
N PHE B 123 -20.98 7.89 -13.10
CA PHE B 123 -21.29 9.18 -12.50
C PHE B 123 -20.14 10.14 -12.74
N LEU B 124 -20.41 11.44 -12.62
CA LEU B 124 -19.33 12.40 -12.43
C LEU B 124 -18.52 11.94 -11.21
N PHE B 125 -17.33 12.49 -11.03
CA PHE B 125 -16.46 12.04 -9.96
C PHE B 125 -15.59 13.17 -9.44
N ILE B 126 -15.08 13.03 -8.22
CA ILE B 126 -14.25 14.04 -7.57
C ILE B 126 -12.87 13.48 -7.22
N CYS B 127 -11.82 14.06 -7.82
CA CYS B 127 -10.44 13.71 -7.48
C CYS B 127 -9.89 14.63 -6.39
N LYS B 128 -8.95 14.11 -5.62
CA LYS B 128 -8.35 14.89 -4.53
C LYS B 128 -6.84 14.74 -4.55
N ARG B 129 -6.11 15.85 -4.49
CA ARG B 129 -4.67 15.73 -4.31
C ARG B 129 -4.10 16.80 -3.37
N PRO B 130 -3.21 16.38 -2.47
CA PRO B 130 -2.64 17.33 -1.51
C PRO B 130 -1.76 18.34 -2.23
N TYR B 131 -1.71 19.54 -1.68
CA TYR B 131 -0.73 20.51 -2.13
C TYR B 131 0.59 20.04 -1.58
N VAL B 132 1.56 19.89 -2.47
CA VAL B 132 2.90 19.49 -2.09
C VAL B 132 3.86 20.55 -2.62
N PRO B 133 4.33 21.42 -1.73
CA PRO B 133 5.25 22.50 -2.12
C PRO B 133 6.47 21.99 -2.92
N GLN C 5 -4.58 -3.87 28.44
CA GLN C 5 -4.76 -2.55 29.00
C GLN C 5 -3.80 -1.56 28.35
N GLY C 6 -4.00 -0.29 28.62
CA GLY C 6 -3.12 0.74 28.10
C GLY C 6 -3.64 1.41 26.84
N TRP C 7 -4.81 1.01 26.37
CA TRP C 7 -5.40 1.62 25.18
C TRP C 7 -6.44 2.67 25.55
N LYS C 8 -6.22 3.90 25.09
CA LYS C 8 -7.10 5.02 25.42
C LYS C 8 -7.92 5.44 24.21
N TYR C 9 -9.21 5.70 24.42
CA TYR C 9 -10.11 5.94 23.31
C TYR C 9 -10.30 7.42 22.98
N PHE C 10 -10.24 7.74 21.70
CA PHE C 10 -10.45 9.11 21.23
C PHE C 10 -10.96 9.10 19.79
N LYS C 11 -12.18 9.58 19.62
CA LYS C 11 -12.77 9.80 18.30
C LYS C 11 -12.59 8.66 17.30
N GLY C 12 -13.04 7.48 17.69
CA GLY C 12 -13.05 6.34 16.80
C GLY C 12 -11.78 5.52 16.72
N ASN C 13 -10.75 5.93 17.46
CA ASN C 13 -9.51 5.16 17.52
C ASN C 13 -9.03 4.92 18.95
N PHE C 14 -8.29 3.83 19.14
CA PHE C 14 -7.62 3.60 20.41
C PHE C 14 -6.13 3.93 20.27
N TYR C 15 -5.56 4.46 21.34
CA TYR C 15 -4.18 4.89 21.31
C TYR C 15 -3.40 4.26 22.44
N TYR C 16 -2.20 3.75 22.12
CA TYR C 16 -1.36 3.08 23.11
C TYR C 16 -0.08 3.90 23.32
N PHE C 17 0.10 4.42 24.55
CA PHE C 17 1.32 5.18 24.89
C PHE C 17 2.27 4.20 25.59
N SER C 18 3.39 3.87 24.95
CA SER C 18 4.22 2.76 25.44
C SER C 18 4.96 3.04 26.76
N LEU C 19 5.36 1.95 27.43
CA LEU C 19 6.14 2.04 28.67
C LEU C 19 7.63 1.81 28.40
N ILE C 20 7.91 1.18 27.27
CA ILE C 20 9.26 0.83 26.88
C ILE C 20 9.67 1.58 25.62
N PRO C 21 10.91 2.11 25.58
CA PRO C 21 11.40 2.87 24.42
C PRO C 21 11.98 1.96 23.35
N LYS C 22 11.80 2.35 22.09
CA LYS C 22 12.29 1.59 20.94
C LYS C 22 12.71 2.58 19.89
N THR C 23 13.49 2.11 18.91
CA THR C 23 13.76 2.91 17.72
C THR C 23 12.43 3.10 17.01
N TRP C 24 12.38 4.06 16.08
CA TRP C 24 11.17 4.31 15.32
C TRP C 24 10.62 3.05 14.67
N TYR C 25 11.47 2.32 13.96
CA TYR C 25 10.96 1.17 13.21
C TYR C 25 10.62 0.00 14.13
N SER C 26 11.41 -0.20 15.18
CA SER C 26 11.06 -1.24 16.14
C SER C 26 9.75 -0.89 16.85
N ALA C 27 9.53 0.40 17.08
CA ALA C 27 8.25 0.87 17.60
C ALA C 27 7.12 0.51 16.64
N GLU C 28 7.31 0.81 15.36
CA GLU C 28 6.30 0.48 14.36
C GLU C 28 6.04 -1.02 14.34
N GLN C 29 7.10 -1.82 14.47
CA GLN C 29 6.93 -3.27 14.46
C GLN C 29 6.10 -3.75 15.66
N PHE C 30 6.32 -3.12 16.80
CA PHE C 30 5.51 -3.43 17.97
C PHE C 30 4.03 -3.07 17.69
N CYS C 31 3.80 -1.88 17.14
CA CYS C 31 2.44 -1.47 16.83
C CYS C 31 1.78 -2.49 15.90
N VAL C 32 2.51 -2.89 14.86
CA VAL C 32 1.96 -3.83 13.89
C VAL C 32 1.59 -5.18 14.55
N SER C 33 2.44 -5.64 15.48
CA SER C 33 2.14 -6.86 16.24
C SER C 33 0.90 -6.72 17.12
N ARG C 34 0.46 -5.49 17.36
CA ARG C 34 -0.76 -5.24 18.13
CA ARG C 34 -0.76 -5.23 18.13
C ARG C 34 -1.86 -4.71 17.22
N ASN C 35 -1.79 -5.06 15.93
CA ASN C 35 -2.80 -4.70 14.95
C ASN C 35 -3.01 -3.18 14.84
N SER C 36 -1.90 -2.45 14.81
CA SER C 36 -1.98 -1.00 14.81
C SER C 36 -0.79 -0.41 14.06
N HIS C 37 -0.70 0.92 14.08
CA HIS C 37 0.43 1.63 13.48
C HIS C 37 0.85 2.78 14.38
N LEU C 38 2.08 3.24 14.22
CA LEU C 38 2.47 4.48 14.87
C LEU C 38 1.47 5.56 14.45
N THR C 39 1.02 6.34 15.43
CA THR C 39 -0.09 7.25 15.17
C THR C 39 0.18 8.34 14.11
N SER C 40 -0.83 8.58 13.29
CA SER C 40 -0.88 9.76 12.44
C SER C 40 -1.57 10.87 13.25
N VAL C 41 -1.48 12.10 12.78
CA VAL C 41 -2.14 13.23 13.45
C VAL C 41 -2.75 14.07 12.35
N THR C 42 -4.08 14.21 12.39
CA THR C 42 -4.81 14.80 11.27
C THR C 42 -5.82 15.87 11.68
N SER C 43 -5.73 16.35 12.91
CA SER C 43 -6.60 17.43 13.39
C SER C 43 -6.02 18.06 14.65
N GLU C 44 -6.41 19.29 14.93
CA GLU C 44 -5.97 19.95 16.16
C GLU C 44 -6.43 19.18 17.40
N SER C 45 -7.64 18.66 17.39
CA SER C 45 -8.14 17.97 18.58
C SER C 45 -7.36 16.69 18.83
N GLU C 46 -6.92 16.02 17.77
CA GLU C 46 -6.10 14.83 17.94
C GLU C 46 -4.71 15.19 18.48
N GLN C 47 -4.09 16.22 17.93
CA GLN C 47 -2.79 16.70 18.42
C GLN C 47 -2.88 17.08 19.89
N GLU C 48 -3.96 17.77 20.25
CA GLU C 48 -4.21 18.16 21.63
C GLU C 48 -4.34 16.94 22.54
N PHE C 49 -5.14 15.97 22.11
CA PHE C 49 -5.27 14.71 22.86
C PHE C 49 -3.90 14.07 23.07
N LEU C 50 -3.09 14.05 22.02
CA LEU C 50 -1.80 13.37 22.11
C LEU C 50 -0.82 14.09 23.02
N TYR C 51 -0.70 15.40 22.89
CA TYR C 51 0.33 16.07 23.67
C TYR C 51 -0.06 16.16 25.15
N LYS C 52 -1.35 16.33 25.42
CA LYS C 52 -1.79 16.36 26.81
C LYS C 52 -1.58 15.01 27.46
N THR C 53 -1.91 13.94 26.74
CA THR C 53 -1.75 12.61 27.30
C THR C 53 -0.28 12.28 27.49
N ALA C 54 0.56 12.75 26.56
CA ALA C 54 1.99 12.52 26.62
C ALA C 54 2.58 13.07 27.91
N GLY C 55 1.99 14.17 28.38
CA GLY C 55 2.33 14.71 29.68
C GLY C 55 3.81 15.00 29.86
N GLY C 56 4.45 15.46 28.80
CA GLY C 56 5.84 15.85 28.89
C GLY C 56 6.88 14.82 28.47
N LEU C 57 6.47 13.56 28.34
CA LEU C 57 7.38 12.53 27.85
C LEU C 57 7.42 12.60 26.31
N ILE C 58 8.51 12.11 25.72
CA ILE C 58 8.67 12.17 24.27
C ILE C 58 8.27 10.84 23.65
N TYR C 59 7.41 10.90 22.63
CA TYR C 59 6.91 9.68 22.00
C TYR C 59 7.09 9.72 20.48
N TRP C 60 7.65 8.66 19.91
CA TRP C 60 7.64 8.54 18.45
C TRP C 60 6.20 8.55 17.97
N ILE C 61 5.94 9.24 16.87
CA ILE C 61 4.68 9.08 16.16
C ILE C 61 4.98 8.56 14.78
N GLY C 62 3.97 8.41 13.93
CA GLY C 62 4.19 7.75 12.64
C GLY C 62 4.78 8.62 11.55
N LEU C 63 5.42 9.72 11.92
CA LEU C 63 6.03 10.66 10.98
C LEU C 63 7.39 10.18 10.46
N THR C 64 7.53 10.07 9.14
CA THR C 64 8.82 9.65 8.59
C THR C 64 8.98 10.13 7.16
N LYS C 65 10.22 10.42 6.77
CA LYS C 65 10.49 10.82 5.40
C LYS C 65 10.33 9.65 4.45
N ALA C 66 9.82 9.94 3.25
CA ALA C 66 9.68 8.93 2.20
C ALA C 66 9.76 9.61 0.85
N GLY C 67 10.50 9.01 -0.09
CA GLY C 67 10.64 9.56 -1.42
C GLY C 67 11.94 10.32 -1.64
N MET C 68 12.18 10.69 -2.90
CA MET C 68 13.44 11.32 -3.29
C MET C 68 13.59 12.75 -2.77
N GLU C 69 12.46 13.39 -2.45
CA GLU C 69 12.50 14.77 -1.98
C GLU C 69 12.62 14.83 -0.46
N GLY C 70 12.48 13.68 0.19
CA GLY C 70 12.53 13.62 1.64
C GLY C 70 11.28 14.23 2.25
N ASP C 71 10.17 14.15 1.52
CA ASP C 71 8.90 14.68 2.03
C ASP C 71 8.43 13.84 3.20
N TRP C 72 7.77 14.48 4.16
CA TRP C 72 7.24 13.77 5.31
C TRP C 72 6.02 12.96 4.90
N SER C 73 5.82 11.84 5.60
CA SER C 73 4.73 10.92 5.33
C SER C 73 4.26 10.30 6.63
N TRP C 74 3.11 9.64 6.58
CA TRP C 74 2.58 8.88 7.71
C TRP C 74 2.75 7.38 7.45
N VAL C 75 3.24 6.64 8.43
CA VAL C 75 3.44 5.21 8.20
C VAL C 75 2.12 4.45 8.03
N ASP C 76 1.03 4.99 8.58
CA ASP C 76 -0.27 4.34 8.42
C ASP C 76 -0.93 4.63 7.04
N ASP C 77 -0.20 5.34 6.18
CA ASP C 77 -0.60 5.68 4.80
C ASP C 77 -1.59 6.83 4.63
N THR C 78 -1.98 7.48 5.71
CA THR C 78 -2.70 8.74 5.58
C THR C 78 -1.89 9.69 4.71
N PRO C 79 -2.50 10.25 3.64
CA PRO C 79 -1.75 11.25 2.87
C PRO C 79 -1.30 12.40 3.78
N PHE C 80 -0.02 12.78 3.68
CA PHE C 80 0.50 13.89 4.47
C PHE C 80 0.02 15.23 3.91
N ASN C 81 -0.58 16.03 4.79
CA ASN C 81 -1.06 17.36 4.43
C ASN C 81 -0.12 18.40 5.01
N LYS C 82 0.83 18.87 4.20
CA LYS C 82 1.88 19.77 4.72
C LYS C 82 1.30 21.09 5.22
N VAL C 83 0.35 21.65 4.48
CA VAL C 83 -0.33 22.87 4.88
C VAL C 83 -0.89 22.79 6.28
N GLN C 84 -1.72 21.78 6.52
CA GLN C 84 -2.43 21.64 7.78
C GLN C 84 -1.52 21.15 8.90
N SER C 85 -0.37 20.58 8.53
CA SER C 85 0.57 20.04 9.51
C SER C 85 1.58 21.06 10.01
N ALA C 86 1.73 22.18 9.29
CA ALA C 86 2.73 23.17 9.62
C ALA C 86 2.64 23.66 11.06
N ARG C 87 1.42 23.78 11.56
CA ARG C 87 1.17 24.35 12.88
C ARG C 87 1.63 23.42 14.01
N PHE C 88 1.99 22.18 13.68
CA PHE C 88 2.24 21.18 14.70
C PHE C 88 3.70 20.96 15.06
N TRP C 89 4.62 21.55 14.30
CA TRP C 89 6.04 21.44 14.60
C TRP C 89 6.45 22.45 15.68
N ILE C 90 7.34 22.03 16.57
CA ILE C 90 8.05 22.97 17.45
C ILE C 90 8.74 24.03 16.60
N PRO C 91 8.76 25.30 17.07
CA PRO C 91 9.46 26.34 16.31
C PRO C 91 10.90 25.93 15.99
N GLY C 92 11.30 26.12 14.74
CA GLY C 92 12.63 25.73 14.31
C GLY C 92 12.71 24.32 13.76
N GLU C 93 11.65 23.52 13.97
CA GLU C 93 11.61 22.16 13.44
C GLU C 93 10.72 22.10 12.20
N PRO C 94 10.97 21.13 11.30
CA PRO C 94 12.07 20.15 11.36
C PRO C 94 13.37 20.80 10.92
N ASN C 95 14.47 20.51 11.62
CA ASN C 95 15.74 21.15 11.31
C ASN C 95 16.78 20.20 10.73
N ASN C 96 16.42 18.93 10.60
CA ASN C 96 17.33 17.92 10.04
C ASN C 96 18.74 17.99 10.64
N ALA C 97 18.83 18.02 11.96
CA ALA C 97 20.12 18.09 12.64
C ALA C 97 21.10 17.02 12.16
N GLY C 98 22.29 17.47 11.74
CA GLY C 98 23.32 16.56 11.28
C GLY C 98 22.95 15.78 10.03
N ASN C 99 22.00 16.33 9.29
CA ASN C 99 21.46 15.68 8.09
C ASN C 99 21.00 14.25 8.32
N ASN C 100 20.47 13.99 9.51
CA ASN C 100 20.19 12.61 9.91
C ASN C 100 18.90 12.43 10.72
N GLU C 101 17.97 13.37 10.57
CA GLU C 101 16.72 13.31 11.33
C GLU C 101 15.52 13.06 10.41
N HIS C 102 15.20 11.78 10.22
CA HIS C 102 14.26 11.39 9.18
C HIS C 102 12.99 10.76 9.73
N CYS C 103 12.77 10.88 11.04
CA CYS C 103 11.55 10.42 11.69
C CYS C 103 11.08 11.51 12.65
N GLY C 104 9.81 11.46 13.08
CA GLY C 104 9.28 12.50 13.93
C GLY C 104 8.68 11.99 15.22
N ASN C 105 8.84 12.77 16.28
CA ASN C 105 8.22 12.46 17.56
C ASN C 105 7.39 13.63 18.08
N ILE C 106 6.51 13.36 19.04
CA ILE C 106 5.88 14.41 19.83
C ILE C 106 6.76 14.69 21.05
N LYS C 107 7.18 15.94 21.19
CA LYS C 107 8.20 16.29 22.17
C LYS C 107 7.73 17.34 23.18
N ALA C 108 7.25 18.47 22.69
CA ALA C 108 6.90 19.59 23.56
C ALA C 108 5.44 19.54 24.06
N PRO C 109 5.20 20.07 25.26
CA PRO C 109 3.84 20.12 25.84
C PRO C 109 3.02 21.28 25.28
N SER C 110 2.77 21.23 23.98
CA SER C 110 2.12 22.32 23.26
C SER C 110 1.57 21.80 21.93
N LEU C 111 0.60 22.51 21.35
CA LEU C 111 0.14 22.16 20.02
C LEU C 111 1.31 22.14 19.04
N GLN C 112 2.30 23.01 19.24
CA GLN C 112 3.53 22.90 18.48
C GLN C 112 4.46 21.92 19.20
N ALA C 113 4.33 20.65 18.86
CA ALA C 113 4.98 19.60 19.65
C ALA C 113 6.02 18.75 18.91
N TRP C 114 5.97 18.74 17.58
CA TRP C 114 6.76 17.75 16.83
C TRP C 114 8.22 18.16 16.64
N ASN C 115 9.10 17.17 16.77
CA ASN C 115 10.50 17.32 16.42
C ASN C 115 10.93 16.21 15.48
N ASP C 116 11.80 16.52 14.52
CA ASP C 116 12.46 15.47 13.76
C ASP C 116 13.70 15.02 14.51
N ALA C 117 13.94 13.72 14.52
CA ALA C 117 15.05 13.12 15.26
C ALA C 117 15.53 11.88 14.50
N PRO C 118 16.73 11.40 14.82
CA PRO C 118 17.24 10.20 14.12
C PRO C 118 16.37 8.95 14.35
N CYS C 119 16.03 8.25 13.28
CA CYS C 119 15.14 7.11 13.38
C CYS C 119 15.71 6.02 14.28
N ASP C 120 17.03 5.99 14.42
CA ASP C 120 17.67 4.92 15.18
C ASP C 120 17.86 5.26 16.65
N LYS C 121 17.31 6.40 17.06
CA LYS C 121 17.29 6.78 18.46
C LYS C 121 16.08 6.14 19.15
N THR C 122 16.17 5.88 20.45
CA THR C 122 15.09 5.19 21.12
C THR C 122 14.25 6.15 21.96
N PHE C 123 12.93 6.05 21.78
CA PHE C 123 11.97 6.80 22.58
C PHE C 123 10.74 5.94 22.83
N LEU C 124 9.93 6.35 23.81
CA LEU C 124 8.59 5.77 23.96
C LEU C 124 7.87 6.02 22.65
N PHE C 125 6.74 5.36 22.43
CA PHE C 125 6.03 5.53 21.16
C PHE C 125 4.51 5.44 21.36
N ILE C 126 3.77 5.94 20.38
CA ILE C 126 2.31 5.92 20.43
C ILE C 126 1.70 5.17 19.24
N CYS C 127 0.98 4.09 19.50
CA CYS C 127 0.26 3.33 18.47
C CYS C 127 -1.18 3.80 18.36
N LYS C 128 -1.75 3.68 17.16
CA LYS C 128 -3.14 4.05 16.91
C LYS C 128 -3.84 2.88 16.23
N ARG C 129 -4.99 2.50 16.77
CA ARG C 129 -5.75 1.35 16.31
CA ARG C 129 -5.75 1.36 16.29
C ARG C 129 -7.22 1.75 16.11
N PRO C 130 -7.75 1.54 14.90
CA PRO C 130 -9.16 1.94 14.75
C PRO C 130 -10.11 1.06 15.56
N TYR C 131 -11.19 1.66 16.07
CA TYR C 131 -12.29 0.86 16.61
C TYR C 131 -13.20 0.49 15.45
N VAL C 132 -13.63 -0.76 15.41
CA VAL C 132 -14.51 -1.23 14.35
C VAL C 132 -15.81 -1.84 14.89
N PRO C 133 -16.91 -1.07 14.85
CA PRO C 133 -18.20 -1.49 15.40
C PRO C 133 -18.71 -2.75 14.71
N GLN D 5 -15.39 -22.75 -3.07
CA GLN D 5 -14.61 -23.87 -3.60
C GLN D 5 -14.32 -23.70 -5.09
N GLY D 6 -13.50 -24.59 -5.64
CA GLY D 6 -13.15 -24.56 -7.04
C GLY D 6 -11.74 -24.04 -7.26
N TRP D 7 -11.01 -23.85 -6.18
CA TRP D 7 -9.65 -23.32 -6.27
C TRP D 7 -8.62 -24.37 -6.73
N LYS D 8 -7.74 -23.97 -7.63
CA LYS D 8 -6.69 -24.84 -8.16
C LYS D 8 -5.33 -24.43 -7.61
N TYR D 9 -4.54 -25.41 -7.21
CA TYR D 9 -3.24 -25.17 -6.58
C TYR D 9 -2.08 -25.16 -7.59
N PHE D 10 -1.21 -24.17 -7.46
CA PHE D 10 0.00 -24.12 -8.26
C PHE D 10 1.07 -23.31 -7.52
N LYS D 11 2.19 -23.96 -7.19
CA LYS D 11 3.34 -23.30 -6.56
C LYS D 11 3.00 -22.33 -5.42
N GLY D 12 2.32 -22.84 -4.40
CA GLY D 12 2.09 -22.07 -3.19
C GLY D 12 0.98 -21.04 -3.28
N ASN D 13 0.22 -21.09 -4.37
CA ASN D 13 -0.96 -20.24 -4.51
C ASN D 13 -2.16 -21.06 -4.97
N PHE D 14 -3.34 -20.54 -4.65
CA PHE D 14 -4.58 -21.10 -5.17
C PHE D 14 -5.15 -20.14 -6.19
N TYR D 15 -5.78 -20.69 -7.22
CA TYR D 15 -6.32 -19.88 -8.30
C TYR D 15 -7.78 -20.23 -8.55
N TYR D 16 -8.57 -19.19 -8.82
CA TYR D 16 -9.99 -19.37 -9.06
C TYR D 16 -10.30 -18.87 -10.47
N PHE D 17 -10.76 -19.77 -11.35
CA PHE D 17 -11.13 -19.37 -12.69
C PHE D 17 -12.64 -19.22 -12.75
N SER D 18 -13.10 -17.98 -12.92
CA SER D 18 -14.53 -17.67 -12.77
C SER D 18 -15.36 -18.28 -13.89
N LEU D 19 -16.63 -18.47 -13.58
CA LEU D 19 -17.62 -18.95 -14.55
C LEU D 19 -18.55 -17.81 -14.95
N ILE D 20 -18.49 -16.70 -14.21
CA ILE D 20 -19.31 -15.52 -14.47
C ILE D 20 -18.41 -14.36 -14.92
N PRO D 21 -18.84 -13.61 -15.94
CA PRO D 21 -18.06 -12.47 -16.43
C PRO D 21 -18.33 -11.18 -15.66
N LYS D 22 -17.30 -10.37 -15.46
CA LYS D 22 -17.45 -9.10 -14.75
C LYS D 22 -16.50 -8.08 -15.37
N THR D 23 -16.72 -6.81 -15.04
CA THR D 23 -15.76 -5.78 -15.39
C THR D 23 -14.49 -6.04 -14.59
N TRP D 24 -13.39 -5.43 -15.02
CA TRP D 24 -12.12 -5.61 -14.32
C TRP D 24 -12.26 -5.29 -12.84
N TYR D 25 -12.82 -4.14 -12.50
CA TYR D 25 -12.92 -3.78 -11.08
C TYR D 25 -13.92 -4.63 -10.28
N SER D 26 -15.08 -4.93 -10.87
CA SER D 26 -16.02 -5.80 -10.18
C SER D 26 -15.41 -7.19 -9.98
N ALA D 27 -14.61 -7.64 -10.95
CA ALA D 27 -13.85 -8.88 -10.78
C ALA D 27 -12.91 -8.78 -9.58
N GLU D 28 -12.12 -7.72 -9.53
CA GLU D 28 -11.20 -7.53 -8.40
C GLU D 28 -11.96 -7.54 -7.09
N GLN D 29 -13.08 -6.82 -7.02
CA GLN D 29 -13.92 -6.82 -5.82
C GLN D 29 -14.38 -8.21 -5.41
N PHE D 30 -14.77 -9.00 -6.41
CA PHE D 30 -15.15 -10.38 -6.16
C PHE D 30 -13.95 -11.14 -5.56
N CYS D 31 -12.76 -10.95 -6.12
CA CYS D 31 -11.59 -11.63 -5.59
C CYS D 31 -11.33 -11.23 -4.14
N VAL D 32 -11.47 -9.93 -3.88
CA VAL D 32 -11.22 -9.39 -2.55
C VAL D 32 -12.21 -9.98 -1.53
N SER D 33 -13.46 -10.15 -1.96
CA SER D 33 -14.48 -10.77 -1.12
C SER D 33 -14.11 -12.20 -0.77
N ARG D 34 -13.26 -12.82 -1.60
CA ARG D 34 -12.79 -14.18 -1.37
C ARG D 34 -11.33 -14.19 -0.90
N ASN D 35 -10.92 -13.09 -0.27
CA ASN D 35 -9.58 -12.97 0.31
C ASN D 35 -8.50 -13.21 -0.72
N SER D 36 -8.67 -12.66 -1.91
CA SER D 36 -7.71 -12.83 -2.98
C SER D 36 -7.62 -11.55 -3.81
N HIS D 37 -6.85 -11.61 -4.90
CA HIS D 37 -6.75 -10.52 -5.87
C HIS D 37 -6.74 -11.13 -7.26
N LEU D 38 -7.11 -10.33 -8.26
CA LEU D 38 -6.87 -10.74 -9.64
C LEU D 38 -5.40 -11.10 -9.77
N THR D 39 -5.11 -12.17 -10.51
CA THR D 39 -3.81 -12.79 -10.46
C THR D 39 -2.71 -11.93 -11.08
N SER D 40 -1.56 -11.92 -10.42
CA SER D 40 -0.33 -11.44 -11.04
C SER D 40 0.31 -12.61 -11.79
N VAL D 41 1.31 -12.32 -12.61
CA VAL D 41 2.01 -13.35 -13.36
C VAL D 41 3.48 -12.97 -13.35
N THR D 42 4.30 -13.78 -12.69
CA THR D 42 5.70 -13.40 -12.44
C THR D 42 6.72 -14.43 -12.88
N SER D 43 6.27 -15.47 -13.58
CA SER D 43 7.21 -16.44 -14.15
C SER D 43 6.62 -17.10 -15.39
N GLU D 44 7.49 -17.67 -16.21
CA GLU D 44 7.04 -18.37 -17.39
C GLU D 44 6.13 -19.54 -16.99
N SER D 45 6.48 -20.23 -15.90
CA SER D 45 5.70 -21.38 -15.48
C SER D 45 4.31 -21.00 -15.01
N GLU D 46 4.19 -19.87 -14.33
CA GLU D 46 2.88 -19.38 -13.93
C GLU D 46 2.06 -18.95 -15.16
N GLN D 47 2.69 -18.26 -16.08
CA GLN D 47 2.04 -17.89 -17.34
C GLN D 47 1.49 -19.14 -18.05
N GLU D 48 2.32 -20.17 -18.09
CA GLU D 48 1.96 -21.44 -18.71
C GLU D 48 0.80 -22.11 -18.00
N PHE D 49 0.86 -22.21 -16.67
CA PHE D 49 -0.25 -22.79 -15.91
C PHE D 49 -1.54 -22.03 -16.19
N LEU D 50 -1.45 -20.71 -16.23
CA LEU D 50 -2.63 -19.89 -16.44
C LEU D 50 -3.22 -20.00 -17.85
N TYR D 51 -2.39 -19.88 -18.88
CA TYR D 51 -2.94 -19.94 -20.23
C TYR D 51 -3.43 -21.35 -20.56
N LYS D 52 -2.70 -22.35 -20.08
CA LYS D 52 -3.13 -23.74 -20.28
C LYS D 52 -4.46 -23.98 -19.60
N THR D 53 -4.59 -23.59 -18.33
CA THR D 53 -5.86 -23.77 -17.64
C THR D 53 -7.00 -22.96 -18.27
N ALA D 54 -6.69 -21.78 -18.79
CA ALA D 54 -7.71 -20.93 -19.40
C ALA D 54 -8.32 -21.59 -20.63
N GLY D 55 -7.53 -22.44 -21.29
CA GLY D 55 -8.03 -23.23 -22.41
C GLY D 55 -8.72 -22.41 -23.48
N GLY D 56 -8.10 -21.31 -23.87
CA GLY D 56 -8.61 -20.50 -24.98
C GLY D 56 -9.73 -19.54 -24.67
N LEU D 57 -10.14 -19.45 -23.40
CA LEU D 57 -11.13 -18.47 -22.99
C LEU D 57 -10.41 -17.23 -22.45
N ILE D 58 -11.05 -16.07 -22.54
CA ILE D 58 -10.45 -14.81 -22.10
C ILE D 58 -10.77 -14.53 -20.63
N TYR D 59 -9.71 -14.31 -19.84
CA TYR D 59 -9.87 -13.99 -18.43
C TYR D 59 -9.13 -12.74 -18.04
N TRP D 60 -9.81 -11.84 -17.33
CA TRP D 60 -9.14 -10.70 -16.71
C TRP D 60 -8.06 -11.22 -15.77
N ILE D 61 -6.90 -10.57 -15.79
CA ILE D 61 -5.91 -10.78 -14.73
C ILE D 61 -5.62 -9.44 -14.07
N GLY D 62 -4.69 -9.40 -13.14
CA GLY D 62 -4.50 -8.25 -12.28
C GLY D 62 -3.73 -7.11 -12.93
N LEU D 63 -3.63 -7.15 -14.26
CA LEU D 63 -2.94 -6.11 -15.05
C LEU D 63 -3.74 -4.83 -15.12
N THR D 64 -3.15 -3.71 -14.71
CA THR D 64 -3.83 -2.43 -14.87
C THR D 64 -2.82 -1.27 -14.90
N LYS D 65 -3.18 -0.19 -15.60
CA LYS D 65 -2.33 1.00 -15.61
C LYS D 65 -2.42 1.77 -14.29
N ALA D 66 -1.30 2.33 -13.85
CA ALA D 66 -1.27 3.20 -12.68
C ALA D 66 -0.14 4.23 -12.80
N GLY D 67 -0.34 5.41 -12.22
CA GLY D 67 0.66 6.46 -12.24
C GLY D 67 0.50 7.46 -13.37
N MET D 68 1.24 8.56 -13.27
CA MET D 68 1.24 9.62 -14.29
C MET D 68 1.45 9.10 -15.71
N GLU D 69 2.40 8.18 -15.85
CA GLU D 69 2.83 7.69 -17.15
C GLU D 69 1.98 6.53 -17.68
N GLY D 70 1.05 6.05 -16.85
CA GLY D 70 0.21 4.94 -17.23
C GLY D 70 1.01 3.66 -17.43
N ASP D 71 2.07 3.49 -16.63
CA ASP D 71 2.82 2.25 -16.70
C ASP D 71 1.99 1.13 -16.14
N TRP D 72 2.18 -0.07 -16.67
CA TRP D 72 1.43 -1.22 -16.20
C TRP D 72 1.85 -1.63 -14.80
N SER D 73 0.89 -2.18 -14.04
CA SER D 73 1.11 -2.55 -12.66
C SER D 73 0.26 -3.77 -12.35
N TRP D 74 0.54 -4.39 -11.21
CA TRP D 74 -0.26 -5.49 -10.66
C TRP D 74 -1.13 -5.01 -9.51
N VAL D 75 -2.41 -5.36 -9.55
CA VAL D 75 -3.33 -4.92 -8.52
C VAL D 75 -2.96 -5.53 -7.15
N ASP D 76 -2.28 -6.69 -7.16
CA ASP D 76 -1.88 -7.29 -5.89
C ASP D 76 -0.59 -6.68 -5.31
N ASP D 77 -0.12 -5.62 -5.96
CA ASP D 77 1.04 -4.82 -5.57
C ASP D 77 2.40 -5.43 -5.85
N THR D 78 2.43 -6.61 -6.48
CA THR D 78 3.68 -7.14 -6.99
C THR D 78 4.27 -6.07 -7.89
N PRO D 79 5.53 -5.65 -7.64
CA PRO D 79 6.19 -4.73 -8.58
C PRO D 79 6.16 -5.29 -10.02
N PHE D 80 5.86 -4.43 -10.98
CA PHE D 80 5.72 -4.87 -12.35
C PHE D 80 7.08 -4.84 -13.06
N ASN D 81 7.47 -5.97 -13.63
CA ASN D 81 8.77 -6.07 -14.28
C ASN D 81 8.56 -5.93 -15.77
N LYS D 82 8.80 -4.74 -16.29
CA LYS D 82 8.46 -4.46 -17.69
C LYS D 82 9.33 -5.28 -18.63
N VAL D 83 10.61 -5.38 -18.31
CA VAL D 83 11.53 -6.13 -19.15
C VAL D 83 11.11 -7.59 -19.26
N GLN D 84 10.88 -8.22 -18.12
CA GLN D 84 10.59 -9.65 -18.09
C GLN D 84 9.17 -9.96 -18.55
N SER D 85 8.29 -8.97 -18.52
CA SER D 85 6.92 -9.17 -18.93
C SER D 85 6.72 -8.97 -20.43
N ALA D 86 7.72 -8.38 -21.09
CA ALA D 86 7.58 -8.03 -22.50
C ALA D 86 7.15 -9.24 -23.33
N ARG D 87 7.69 -10.39 -22.99
CA ARG D 87 7.44 -11.61 -23.75
C ARG D 87 6.08 -12.22 -23.45
N PHE D 88 5.33 -11.62 -22.53
CA PHE D 88 4.04 -12.19 -22.15
C PHE D 88 2.84 -11.59 -22.88
N TRP D 89 3.05 -10.50 -23.61
CA TRP D 89 1.98 -9.85 -24.36
C TRP D 89 1.79 -10.50 -25.73
N ILE D 90 0.55 -10.54 -26.19
CA ILE D 90 0.23 -10.87 -27.58
C ILE D 90 0.97 -9.86 -28.45
N PRO D 91 1.57 -10.32 -29.57
CA PRO D 91 2.28 -9.42 -30.49
C PRO D 91 1.45 -8.21 -30.89
N GLY D 92 2.02 -7.01 -30.71
CA GLY D 92 1.32 -5.79 -31.05
C GLY D 92 0.56 -5.17 -29.89
N GLU D 93 0.43 -5.94 -28.81
CA GLU D 93 -0.18 -5.43 -27.57
C GLU D 93 0.93 -5.05 -26.60
N PRO D 94 0.64 -4.12 -25.67
CA PRO D 94 -0.62 -3.39 -25.53
C PRO D 94 -0.74 -2.28 -26.57
N ASN D 95 -1.88 -2.20 -27.24
CA ASN D 95 -2.06 -1.20 -28.30
C ASN D 95 -2.97 -0.04 -27.93
N ASN D 96 -3.52 -0.07 -26.72
CA ASN D 96 -4.38 1.02 -26.24
C ASN D 96 -5.44 1.43 -27.26
N ALA D 97 -6.22 0.47 -27.74
CA ALA D 97 -7.22 0.72 -28.77
C ALA D 97 -8.22 1.78 -28.32
N GLY D 98 -8.42 2.79 -29.17
CA GLY D 98 -9.31 3.88 -28.85
C GLY D 98 -8.88 4.69 -27.65
N ASN D 99 -7.59 4.61 -27.33
CA ASN D 99 -7.01 5.23 -26.13
C ASN D 99 -7.82 4.95 -24.87
N ASN D 100 -8.36 3.74 -24.79
CA ASN D 100 -9.23 3.40 -23.67
C ASN D 100 -9.01 1.97 -23.18
N GLU D 101 -7.79 1.47 -23.28
CA GLU D 101 -7.53 0.10 -22.85
C GLU D 101 -6.52 0.07 -21.71
N HIS D 102 -7.04 0.15 -20.49
CA HIS D 102 -6.21 0.38 -19.32
C HIS D 102 -6.16 -0.80 -18.34
N CYS D 103 -6.71 -1.94 -18.76
CA CYS D 103 -6.65 -3.17 -17.97
C CYS D 103 -6.22 -4.31 -18.87
N GLY D 104 -5.77 -5.42 -18.29
CA GLY D 104 -5.24 -6.50 -19.13
C GLY D 104 -5.82 -7.86 -18.81
N ASN D 105 -5.89 -8.70 -19.83
CA ASN D 105 -6.41 -10.05 -19.70
C ASN D 105 -5.50 -11.08 -20.37
N ILE D 106 -5.67 -12.35 -20.01
CA ILE D 106 -5.08 -13.46 -20.75
C ILE D 106 -6.06 -13.79 -21.86
N LYS D 107 -5.56 -13.78 -23.10
CA LYS D 107 -6.45 -13.89 -24.26
C LYS D 107 -6.08 -15.08 -25.16
N ALA D 108 -4.79 -15.28 -25.40
CA ALA D 108 -4.34 -16.34 -26.29
C ALA D 108 -3.67 -17.48 -25.52
N PRO D 109 -3.87 -18.72 -25.97
CA PRO D 109 -3.19 -19.85 -25.32
C PRO D 109 -1.74 -19.98 -25.78
N SER D 110 -0.89 -19.07 -25.31
CA SER D 110 0.50 -19.02 -25.71
C SER D 110 1.24 -18.25 -24.64
N LEU D 111 2.56 -18.39 -24.58
CA LEU D 111 3.32 -17.55 -23.67
C LEU D 111 3.05 -16.09 -23.98
N GLN D 112 2.82 -15.78 -25.26
CA GLN D 112 2.36 -14.45 -25.64
C GLN D 112 0.84 -14.38 -25.56
N ALA D 113 0.35 -14.05 -24.37
CA ALA D 113 -1.06 -14.27 -24.05
C ALA D 113 -1.86 -13.01 -23.75
N TRP D 114 -1.19 -11.95 -23.30
CA TRP D 114 -1.91 -10.81 -22.74
C TRP D 114 -2.38 -9.83 -23.79
N ASN D 115 -3.56 -9.28 -23.54
CA ASN D 115 -4.08 -8.15 -24.32
C ASN D 115 -4.56 -7.06 -23.38
N ASP D 116 -4.40 -5.80 -23.79
CA ASP D 116 -5.06 -4.71 -23.08
C ASP D 116 -6.46 -4.46 -23.64
N ALA D 117 -7.42 -4.25 -22.74
CA ALA D 117 -8.82 -4.05 -23.09
C ALA D 117 -9.47 -3.05 -22.15
N PRO D 118 -10.61 -2.46 -22.57
CA PRO D 118 -11.26 -1.48 -21.70
C PRO D 118 -11.70 -2.10 -20.38
N CYS D 119 -11.37 -1.43 -19.28
CA CYS D 119 -11.64 -1.92 -17.93
C CYS D 119 -13.11 -2.21 -17.70
N ASP D 120 -13.97 -1.47 -18.40
CA ASP D 120 -15.42 -1.59 -18.20
C ASP D 120 -16.08 -2.68 -19.05
N LYS D 121 -15.28 -3.39 -19.83
CA LYS D 121 -15.76 -4.56 -20.56
C LYS D 121 -15.85 -5.76 -19.61
N THR D 122 -16.75 -6.70 -19.87
CA THR D 122 -16.90 -7.86 -19.00
C THR D 122 -16.24 -9.11 -19.60
N PHE D 123 -15.45 -9.81 -18.79
CA PHE D 123 -14.87 -11.09 -19.16
C PHE D 123 -14.85 -11.99 -17.93
N LEU D 124 -14.60 -13.28 -18.13
CA LEU D 124 -14.30 -14.17 -17.01
C LEU D 124 -13.03 -13.63 -16.37
N PHE D 125 -12.70 -14.10 -15.17
CA PHE D 125 -11.55 -13.53 -14.47
C PHE D 125 -10.85 -14.60 -13.63
N ILE D 126 -9.58 -14.35 -13.29
CA ILE D 126 -8.81 -15.27 -12.45
C ILE D 126 -8.34 -14.61 -11.15
N CYS D 127 -8.73 -15.19 -10.00
CA CYS D 127 -8.26 -14.74 -8.69
C CYS D 127 -7.09 -15.59 -8.24
N LYS D 128 -6.19 -15.00 -7.44
CA LYS D 128 -5.07 -15.72 -6.88
C LYS D 128 -5.00 -15.43 -5.39
N ARG D 129 -4.81 -16.47 -4.59
CA ARG D 129 -4.53 -16.24 -3.17
C ARG D 129 -3.49 -17.18 -2.62
N PRO D 130 -2.69 -16.69 -1.65
CA PRO D 130 -1.60 -17.48 -1.10
C PRO D 130 -2.12 -18.72 -0.40
N TYR D 131 -1.36 -19.80 -0.43
CA TYR D 131 -1.67 -20.92 0.44
C TYR D 131 -1.25 -20.49 1.83
N VAL D 132 -2.16 -20.59 2.78
CA VAL D 132 -1.86 -20.25 4.16
C VAL D 132 -1.70 -21.51 5.02
N PRO D 133 -0.45 -21.96 5.21
CA PRO D 133 -0.11 -23.15 5.98
C PRO D 133 -0.44 -23.01 7.46
#